data_3BS4
#
_entry.id   3BS4
#
_cell.length_a   97.241
_cell.length_b   71.121
_cell.length_c   49.581
_cell.angle_alpha   90.000
_cell.angle_beta   93.010
_cell.angle_gamma   90.000
#
_symmetry.space_group_name_H-M   'C 1 2 1'
#
loop_
_entity.id
_entity.type
_entity.pdbx_description
1 polymer 'Uncharacterized protein PH0321'
2 polymer 'Unknown peptide'
3 water water
#
loop_
_entity_poly.entity_id
_entity_poly.type
_entity_poly.pdbx_seq_one_letter_code
_entity_poly.pdbx_strand_id
1 'polypeptide(L)'
;MSLSWEIEELDREIGKIKKHSLILIHEEDASSRGKDILFYILSRKLKSDNLVGMFSISYPLQLIIRILSRFGVDVIKYLE
NHRLAIVDTFGSFHGIKATMPGVWYLEGMLSSETLPIKYAKAVEDHKKVWMDLNLFEGRELYGFAISMSGYLEVFTPEET
LRYLETSAEVRYGHPAYKKYPRGTNFWLWEGVKDKRVLLSVYRRADYVLKTRSSLGENGIKRELLVIKTPKPIEELVRFE
YEFKGNEPKLRREGHHHHHH
;
A
2 'polypeptide(L)' NIF B
#
# COMPACT_ATOMS: atom_id res chain seq x y z
N SER A 2 8.78 -0.66 17.13
CA SER A 2 7.57 -1.13 16.40
C SER A 2 6.59 0.02 16.13
N LEU A 3 5.72 -0.17 15.14
CA LEU A 3 4.91 0.91 14.59
C LEU A 3 3.42 0.60 14.74
N SER A 4 2.62 1.61 15.02
CA SER A 4 1.19 1.39 15.24
C SER A 4 0.48 0.98 13.96
N TRP A 5 -0.49 0.08 14.11
CA TRP A 5 -1.48 -0.17 13.05
C TRP A 5 -2.42 1.02 12.79
N GLU A 6 -2.41 1.99 13.71
CA GLU A 6 -3.35 3.13 13.72
C GLU A 6 -4.80 2.73 14.04
N ILE A 7 -4.95 1.50 14.52
CA ILE A 7 -6.21 0.93 14.95
C ILE A 7 -5.89 0.24 16.26
N GLU A 8 -6.45 0.77 17.34
CA GLU A 8 -6.07 0.36 18.70
C GLU A 8 -6.29 -1.13 18.95
N GLU A 9 -7.38 -1.67 18.42
CA GLU A 9 -7.69 -3.09 18.59
C GLU A 9 -6.62 -4.00 18.01
N LEU A 10 -6.04 -3.60 16.88
CA LEU A 10 -4.95 -4.36 16.29
C LEU A 10 -3.67 -4.27 17.13
N ASP A 11 -3.30 -3.05 17.52
CA ASP A 11 -2.15 -2.87 18.40
C ASP A 11 -2.28 -3.75 19.66
N ARG A 12 -3.47 -3.75 20.26
CA ARG A 12 -3.70 -4.51 21.50
C ARG A 12 -3.67 -6.02 21.29
N GLU A 13 -4.36 -6.50 20.26
CA GLU A 13 -4.58 -7.94 20.10
C GLU A 13 -3.47 -8.68 19.38
N ILE A 14 -2.86 -8.06 18.38
CA ILE A 14 -1.76 -8.73 17.68
C ILE A 14 -0.40 -8.03 17.82
N GLY A 15 -0.37 -6.89 18.50
CA GLY A 15 0.86 -6.15 18.72
C GLY A 15 1.16 -5.22 17.56
N LYS A 16 2.06 -4.27 17.82
CA LYS A 16 2.47 -3.30 16.82
C LYS A 16 3.31 -3.92 15.69
N ILE A 17 3.46 -3.19 14.61
CA ILE A 17 4.15 -3.70 13.42
C ILE A 17 5.66 -3.64 13.57
N LYS A 18 6.32 -4.77 13.31
CA LYS A 18 7.77 -4.81 13.24
C LYS A 18 8.26 -3.91 12.11
N LYS A 19 9.10 -2.94 12.45
CA LYS A 19 9.60 -1.99 11.48
C LYS A 19 10.19 -2.69 10.24
N HIS A 20 9.82 -2.17 9.07
CA HIS A 20 10.29 -2.65 7.77
C HIS A 20 9.53 -3.85 7.20
N SER A 21 8.49 -4.27 7.91
CA SER A 21 7.67 -5.37 7.46
C SER A 21 6.93 -5.02 6.18
N LEU A 22 6.52 -6.06 5.46
CA LEU A 22 5.56 -5.94 4.37
C LEU A 22 4.25 -6.50 4.89
N ILE A 23 3.19 -5.70 4.77
CA ILE A 23 1.84 -6.07 5.20
C ILE A 23 0.96 -6.19 3.98
N LEU A 24 0.30 -7.33 3.83
CA LEU A 24 -0.72 -7.50 2.80
C LEU A 24 -2.10 -7.33 3.40
N ILE A 25 -2.89 -6.42 2.84
CA ILE A 25 -4.32 -6.33 3.16
C ILE A 25 -5.01 -7.00 1.97
N HIS A 26 -5.56 -8.18 2.21
CA HIS A 26 -6.30 -8.90 1.18
C HIS A 26 -7.79 -8.64 1.36
N GLU A 27 -8.33 -7.77 0.50
CA GLU A 27 -9.77 -7.45 0.53
C GLU A 27 -10.44 -8.52 -0.34
N GLU A 28 -10.95 -9.58 0.28
CA GLU A 28 -11.44 -10.73 -0.49
C GLU A 28 -12.69 -10.40 -1.33
N ASP A 29 -13.54 -9.53 -0.81
CA ASP A 29 -14.70 -9.04 -1.56
C ASP A 29 -14.91 -7.55 -1.34
N ALA A 30 -15.48 -6.88 -2.35
CA ALA A 30 -15.59 -5.46 -2.33
C ALA A 30 -16.48 -4.92 -1.21
N SER A 31 -17.52 -5.68 -0.87
CA SER A 31 -18.46 -5.23 0.17
C SER A 31 -17.78 -5.12 1.52
N SER A 32 -16.68 -5.84 1.71
CA SER A 32 -16.01 -5.78 3.03
C SER A 32 -15.40 -4.42 3.35
N ARG A 33 -15.14 -3.62 2.32
CA ARG A 33 -14.51 -2.32 2.49
C ARG A 33 -13.13 -2.37 3.16
N GLY A 34 -12.43 -3.50 3.01
CA GLY A 34 -11.06 -3.59 3.51
C GLY A 34 -10.16 -2.50 2.92
N LYS A 35 -10.46 -2.09 1.70
CA LYS A 35 -9.72 -1.00 1.07
C LYS A 35 -9.84 0.28 1.88
N ASP A 36 -11.02 0.52 2.44
CA ASP A 36 -11.23 1.71 3.27
C ASP A 36 -10.45 1.66 4.57
N ILE A 37 -10.19 0.45 5.10
CA ILE A 37 -9.36 0.31 6.29
C ILE A 37 -7.94 0.76 5.93
N LEU A 38 -7.46 0.33 4.77
CA LEU A 38 -6.12 0.71 4.33
C LEU A 38 -6.01 2.22 4.09
N PHE A 39 -7.02 2.81 3.46
CA PHE A 39 -7.00 4.28 3.26
C PHE A 39 -7.02 5.01 4.60
N TYR A 40 -7.75 4.46 5.56
CA TYR A 40 -7.72 5.04 6.90
C TYR A 40 -6.31 5.05 7.49
N ILE A 41 -5.65 3.90 7.45
CA ILE A 41 -4.27 3.79 7.94
C ILE A 41 -3.36 4.79 7.24
N LEU A 42 -3.45 4.84 5.91
CA LEU A 42 -2.67 5.78 5.10
C LEU A 42 -2.90 7.24 5.55
N SER A 43 -4.18 7.59 5.70
CA SER A 43 -4.51 8.95 6.13
C SER A 43 -3.90 9.27 7.50
N ARG A 44 -3.86 8.28 8.39
CA ARG A 44 -3.31 8.51 9.73
C ARG A 44 -1.79 8.67 9.71
N LYS A 45 -1.12 7.92 8.83
CA LYS A 45 0.34 8.04 8.74
C LYS A 45 0.72 9.41 8.17
N LEU A 46 -0.07 9.88 7.20
CA LEU A 46 0.15 11.21 6.62
C LEU A 46 -0.11 12.30 7.65
N LYS A 47 -1.22 12.18 8.38
CA LYS A 47 -1.62 13.23 9.33
C LYS A 47 -0.69 13.30 10.52
N SER A 48 0.07 12.23 10.76
CA SER A 48 1.04 12.19 11.85
CA SER A 48 1.03 12.21 11.86
C SER A 48 2.45 12.61 11.38
N ASP A 49 2.51 13.26 10.23
CA ASP A 49 3.73 13.85 9.67
C ASP A 49 4.84 12.84 9.33
N ASN A 50 4.46 11.67 8.83
CA ASN A 50 5.45 10.71 8.35
C ASN A 50 5.65 10.88 6.86
N LEU A 51 6.64 10.19 6.31
CA LEU A 51 6.84 10.20 4.87
C LEU A 51 6.10 9.03 4.26
N VAL A 52 5.45 9.26 3.12
CA VAL A 52 4.65 8.20 2.50
C VAL A 52 4.94 8.19 1.02
N GLY A 53 5.21 7.00 0.48
CA GLY A 53 5.31 6.83 -0.96
C GLY A 53 4.15 5.95 -1.36
N MET A 54 3.46 6.32 -2.44
CA MET A 54 2.32 5.52 -2.95
C MET A 54 2.62 5.05 -4.36
N PHE A 55 2.44 3.75 -4.60
CA PHE A 55 2.44 3.23 -5.97
C PHE A 55 0.99 3.14 -6.37
N SER A 56 0.56 4.11 -7.18
CA SER A 56 -0.85 4.25 -7.49
C SER A 56 -1.13 3.52 -8.79
N ILE A 57 -1.46 2.23 -8.65
CA ILE A 57 -1.49 1.29 -9.76
C ILE A 57 -2.89 1.17 -10.37
N SER A 58 -3.90 1.16 -9.52
CA SER A 58 -5.23 0.71 -9.93
C SER A 58 -6.23 1.79 -10.26
N TYR A 59 -6.00 3.01 -9.77
CA TYR A 59 -7.00 4.09 -9.86
C TYR A 59 -6.40 5.35 -10.46
N PRO A 60 -7.23 6.09 -11.22
CA PRO A 60 -6.79 7.40 -11.70
C PRO A 60 -6.40 8.28 -10.52
N LEU A 61 -5.38 9.10 -10.72
CA LEU A 61 -4.92 10.01 -9.69
C LEU A 61 -6.07 10.89 -9.14
N GLN A 62 -6.92 11.39 -10.02
CA GLN A 62 -8.00 12.26 -9.56
C GLN A 62 -8.95 11.54 -8.62
N LEU A 63 -9.11 10.23 -8.82
CA LEU A 63 -9.89 9.43 -7.90
C LEU A 63 -9.21 9.22 -6.54
N ILE A 64 -7.89 8.97 -6.54
CA ILE A 64 -7.12 8.90 -5.30
C ILE A 64 -7.25 10.19 -4.50
N ILE A 65 -7.19 11.32 -5.21
CA ILE A 65 -7.30 12.61 -4.57
C ILE A 65 -8.66 12.77 -3.91
N ARG A 66 -9.71 12.37 -4.62
CA ARG A 66 -11.08 12.45 -4.09
C ARG A 66 -11.25 11.53 -2.88
N ILE A 67 -10.74 10.32 -3.00
CA ILE A 67 -10.85 9.36 -1.91
C ILE A 67 -10.17 9.90 -0.66
N LEU A 68 -8.96 10.41 -0.82
CA LEU A 68 -8.21 10.90 0.34
C LEU A 68 -8.83 12.16 0.94
N SER A 69 -9.50 12.98 0.12
CA SER A 69 -10.19 14.17 0.63
CA SER A 69 -10.19 14.17 0.63
CA SER A 69 -10.19 14.17 0.62
C SER A 69 -11.29 13.79 1.62
N ARG A 70 -11.91 12.62 1.41
CA ARG A 70 -12.93 12.09 2.32
C ARG A 70 -12.33 11.84 3.70
N PHE A 71 -11.03 11.55 3.73
CA PHE A 71 -10.32 11.26 4.97
C PHE A 71 -9.65 12.49 5.57
N GLY A 72 -9.95 13.67 5.02
CA GLY A 72 -9.37 14.93 5.52
C GLY A 72 -7.92 15.17 5.10
N VAL A 73 -7.53 14.53 3.99
CA VAL A 73 -6.19 14.66 3.44
C VAL A 73 -6.27 15.39 2.11
N ASP A 74 -5.62 16.55 2.05
CA ASP A 74 -5.50 17.29 0.82
C ASP A 74 -4.18 16.88 0.15
N VAL A 75 -4.29 16.00 -0.84
CA VAL A 75 -3.11 15.41 -1.46
C VAL A 75 -2.10 16.45 -1.98
N ILE A 76 -2.59 17.49 -2.66
CA ILE A 76 -1.69 18.53 -3.21
C ILE A 76 -0.78 19.15 -2.15
N LYS A 77 -1.33 19.41 -0.97
CA LYS A 77 -0.56 20.01 0.12
C LYS A 77 0.56 19.09 0.61
N TYR A 78 0.26 17.80 0.74
CA TYR A 78 1.27 16.84 1.17
C TYR A 78 2.31 16.63 0.08
N LEU A 79 1.89 16.70 -1.18
CA LEU A 79 2.82 16.61 -2.29
C LEU A 79 3.77 17.82 -2.30
N GLU A 80 3.20 19.00 -2.20
CA GLU A 80 3.99 20.23 -2.35
C GLU A 80 4.91 20.44 -1.14
N ASN A 81 4.56 19.85 -0.01
CA ASN A 81 5.38 19.94 1.20
C ASN A 81 6.31 18.74 1.38
N HIS A 82 6.42 17.92 0.33
CA HIS A 82 7.42 16.85 0.26
C HIS A 82 7.21 15.70 1.23
N ARG A 83 5.98 15.57 1.76
CA ARG A 83 5.66 14.49 2.68
C ARG A 83 5.21 13.24 1.94
N LEU A 84 4.54 13.46 0.81
CA LEU A 84 3.98 12.38 0.01
C LEU A 84 4.64 12.35 -1.37
N ALA A 85 5.03 11.15 -1.81
CA ALA A 85 5.51 10.93 -3.18
C ALA A 85 4.57 9.93 -3.84
N ILE A 86 4.18 10.20 -5.08
CA ILE A 86 3.29 9.28 -5.79
C ILE A 86 3.96 8.85 -7.07
N VAL A 87 4.03 7.53 -7.31
CA VAL A 87 4.36 7.05 -8.64
C VAL A 87 3.02 6.72 -9.28
N ASP A 88 2.65 7.48 -10.29
CA ASP A 88 1.35 7.29 -10.93
C ASP A 88 1.44 6.23 -12.01
N THR A 89 1.46 4.99 -11.55
CA THR A 89 1.55 3.84 -12.44
C THR A 89 0.31 3.77 -13.34
N PHE A 90 -0.85 4.04 -12.78
CA PHE A 90 -2.08 4.01 -13.58
C PHE A 90 -1.97 4.98 -14.76
N GLY A 91 -1.59 6.23 -14.48
CA GLY A 91 -1.50 7.21 -15.57
C GLY A 91 -0.42 6.81 -16.58
N SER A 92 0.64 6.21 -16.08
CA SER A 92 1.75 5.76 -16.93
C SER A 92 1.28 4.69 -17.90
N PHE A 93 0.53 3.69 -17.40
CA PHE A 93 0.02 2.65 -18.28
C PHE A 93 -1.06 3.14 -19.22
N HIS A 94 -1.86 4.12 -18.77
CA HIS A 94 -3.05 4.50 -19.51
C HIS A 94 -2.89 5.80 -20.30
N GLY A 95 -1.69 6.37 -20.27
CA GLY A 95 -1.33 7.48 -21.16
C GLY A 95 -1.87 8.83 -20.76
N ILE A 96 -2.16 9.00 -19.48
CA ILE A 96 -2.62 10.29 -18.98
C ILE A 96 -1.78 10.83 -17.82
N MET A 100 2.09 17.74 -11.79
CA MET A 100 1.87 17.89 -10.38
C MET A 100 3.20 17.64 -9.64
N PRO A 101 3.59 18.55 -8.73
CA PRO A 101 4.82 18.29 -7.94
C PRO A 101 4.67 17.04 -7.09
N GLY A 102 5.72 16.23 -7.04
CA GLY A 102 5.72 15.02 -6.22
C GLY A 102 5.12 13.80 -6.90
N VAL A 103 4.70 13.94 -8.15
CA VAL A 103 4.08 12.83 -8.91
C VAL A 103 4.98 12.40 -10.05
N TRP A 104 5.45 11.17 -9.95
CA TRP A 104 6.37 10.58 -10.91
CA TRP A 104 6.37 10.59 -10.90
C TRP A 104 5.62 9.74 -11.92
N TYR A 105 6.00 9.89 -13.19
CA TYR A 105 5.46 9.10 -14.29
C TYR A 105 6.54 8.21 -14.88
N LEU A 106 6.17 6.96 -15.18
CA LEU A 106 7.09 5.98 -15.74
C LEU A 106 7.04 6.05 -17.26
N GLU A 107 8.21 6.26 -17.86
CA GLU A 107 8.32 6.51 -19.29
C GLU A 107 8.82 5.27 -20.01
N GLY A 108 8.55 5.15 -21.30
CA GLY A 108 9.02 4.02 -22.10
C GLY A 108 8.21 2.74 -21.98
N MET A 109 8.82 1.62 -22.37
CA MET A 109 8.15 0.34 -22.32
C MET A 109 7.98 -0.06 -20.88
N LEU A 110 6.74 -0.40 -20.53
CA LEU A 110 6.43 -0.90 -19.19
C LEU A 110 6.03 -2.36 -19.25
N SER A 111 7.00 -3.23 -19.04
CA SER A 111 6.71 -4.64 -19.08
C SER A 111 7.05 -5.24 -17.75
N SER A 112 6.71 -6.51 -17.59
CA SER A 112 7.01 -7.25 -16.40
C SER A 112 8.52 -7.29 -16.16
N GLU A 113 9.31 -7.07 -17.22
CA GLU A 113 10.78 -7.08 -17.16
CA GLU A 113 10.76 -7.08 -17.08
C GLU A 113 11.39 -5.69 -16.88
N THR A 114 10.79 -4.64 -17.42
CA THR A 114 11.37 -3.29 -17.29
C THR A 114 10.90 -2.54 -16.06
N LEU A 115 9.69 -2.87 -15.59
CA LEU A 115 9.05 -2.10 -14.53
C LEU A 115 9.85 -2.05 -13.21
N PRO A 116 10.38 -3.20 -12.73
CA PRO A 116 11.15 -3.16 -11.47
C PRO A 116 12.27 -2.12 -11.41
N ILE A 117 13.12 -2.05 -12.43
CA ILE A 117 14.21 -1.07 -12.43
C ILE A 117 13.68 0.36 -12.59
N LYS A 118 12.58 0.52 -13.33
CA LYS A 118 11.98 1.85 -13.46
C LYS A 118 11.41 2.34 -12.12
N TYR A 119 10.80 1.43 -11.36
CA TYR A 119 10.35 1.79 -10.01
C TYR A 119 11.54 2.15 -9.13
N ALA A 120 12.60 1.38 -9.22
CA ALA A 120 13.75 1.57 -8.32
C ALA A 120 14.35 2.94 -8.54
N LYS A 121 14.40 3.37 -9.79
CA LYS A 121 14.94 4.67 -10.14
CA LYS A 121 14.94 4.68 -10.12
C LYS A 121 14.06 5.78 -9.57
N ALA A 122 12.74 5.62 -9.69
CA ALA A 122 11.78 6.63 -9.14
C ALA A 122 11.92 6.71 -7.65
N VAL A 123 11.96 5.54 -7.00
CA VAL A 123 12.11 5.49 -5.56
C VAL A 123 13.41 6.17 -5.13
N GLU A 124 14.52 5.84 -5.79
CA GLU A 124 15.81 6.47 -5.46
C GLU A 124 15.68 7.98 -5.56
N ASP A 125 15.02 8.45 -6.62
CA ASP A 125 14.88 9.89 -6.84
C ASP A 125 14.08 10.57 -5.71
N HIS A 126 12.97 9.94 -5.27
CA HIS A 126 12.19 10.45 -4.13
C HIS A 126 13.04 10.50 -2.89
N LYS A 127 13.79 9.42 -2.66
CA LYS A 127 14.51 9.30 -1.41
C LYS A 127 15.68 10.27 -1.39
N LYS A 128 16.22 10.58 -2.57
CA LYS A 128 17.31 11.60 -2.63
C LYS A 128 16.77 12.96 -2.22
N VAL A 129 15.55 13.28 -2.65
CA VAL A 129 14.93 14.55 -2.23
C VAL A 129 14.73 14.55 -0.72
N TRP A 130 14.13 13.49 -0.18
CA TRP A 130 13.90 13.42 1.26
C TRP A 130 15.20 13.54 2.03
N MET A 131 16.25 12.87 1.54
CA MET A 131 17.54 12.90 2.26
C MET A 131 18.17 14.30 2.17
N ASP A 132 18.13 14.89 0.98
CA ASP A 132 18.69 16.26 0.82
C ASP A 132 18.04 17.24 1.79
N LEU A 133 16.72 17.14 1.96
CA LEU A 133 15.99 18.04 2.84
C LEU A 133 16.03 17.62 4.31
N ASN A 134 16.68 16.49 4.58
CA ASN A 134 16.78 15.89 5.93
C ASN A 134 15.41 15.53 6.51
N LEU A 135 14.53 15.05 5.65
CA LEU A 135 13.17 14.79 6.08
C LEU A 135 12.99 13.42 6.72
N PHE A 136 13.96 12.52 6.59
CA PHE A 136 13.85 11.23 7.28
C PHE A 136 13.95 11.39 8.80
N GLU A 137 14.71 12.40 9.23
CA GLU A 137 14.95 12.63 10.64
C GLU A 137 13.66 12.78 11.44
N GLY A 138 13.48 11.89 12.43
CA GLY A 138 12.31 11.94 13.32
C GLY A 138 11.02 11.44 12.68
N ARG A 139 11.12 10.88 11.48
CA ARG A 139 9.97 10.39 10.74
C ARG A 139 10.13 8.91 10.41
N GLU A 140 8.99 8.27 10.19
CA GLU A 140 8.97 6.94 9.59
C GLU A 140 8.59 7.06 8.12
N LEU A 141 9.09 6.12 7.30
CA LEU A 141 8.73 6.02 5.89
C LEU A 141 7.80 4.84 5.69
N TYR A 142 6.69 5.11 5.03
CA TYR A 142 5.72 4.04 4.71
C TYR A 142 5.51 4.01 3.22
N GLY A 143 5.30 2.81 2.67
CA GLY A 143 4.88 2.68 1.27
C GLY A 143 3.52 2.02 1.20
N PHE A 144 2.74 2.41 0.20
CA PHE A 144 1.43 1.80 -0.06
C PHE A 144 1.33 1.46 -1.52
N ALA A 145 0.98 0.22 -1.86
CA ALA A 145 0.74 -0.15 -3.28
C ALA A 145 -0.74 -0.48 -3.48
N ILE A 146 -1.41 0.40 -4.25
CA ILE A 146 -2.85 0.35 -4.40
CA ILE A 146 -2.86 0.42 -4.40
C ILE A 146 -3.20 0.21 -5.88
N SER A 147 -3.44 -1.00 -6.34
CA SER A 147 -3.34 -2.26 -5.61
C SER A 147 -2.65 -3.31 -6.43
N MET A 148 -2.11 -4.34 -5.80
CA MET A 148 -1.04 -5.12 -6.39
C MET A 148 -1.87 -6.01 -7.38
N SER A 149 -3.16 -6.22 -7.07
CA SER A 149 -4.07 -6.96 -7.97
C SER A 149 -4.25 -6.26 -9.32
N GLY A 150 -3.96 -4.96 -9.37
CA GLY A 150 -4.06 -4.19 -10.61
C GLY A 150 -3.13 -4.67 -11.70
N TYR A 151 -2.01 -5.31 -11.33
CA TYR A 151 -1.06 -5.78 -12.35
C TYR A 151 -1.67 -6.80 -13.29
N LEU A 152 -2.68 -7.53 -12.82
CA LEU A 152 -3.33 -8.53 -13.66
C LEU A 152 -4.12 -7.91 -14.82
N GLU A 153 -4.29 -6.58 -14.80
CA GLU A 153 -4.95 -5.89 -15.92
C GLU A 153 -3.98 -5.68 -17.08
N VAL A 154 -2.67 -5.70 -16.79
CA VAL A 154 -1.64 -5.41 -17.79
C VAL A 154 -0.67 -6.56 -18.04
N PHE A 155 -0.51 -7.44 -17.04
CA PHE A 155 0.38 -8.60 -17.14
C PHE A 155 -0.43 -9.89 -17.05
N THR A 156 0.03 -10.95 -17.72
CA THR A 156 -0.53 -12.27 -17.48
C THR A 156 -0.16 -12.76 -16.07
N PRO A 157 -0.86 -13.78 -15.55
CA PRO A 157 -0.42 -14.33 -14.27
C PRO A 157 1.05 -14.78 -14.26
N GLU A 158 1.50 -15.42 -15.34
CA GLU A 158 2.86 -15.87 -15.45
C GLU A 158 3.84 -14.69 -15.41
N GLU A 159 3.51 -13.64 -16.16
CA GLU A 159 4.30 -12.41 -16.17
C GLU A 159 4.33 -11.75 -14.79
N THR A 160 3.18 -11.75 -14.11
CA THR A 160 3.09 -11.13 -12.78
C THR A 160 3.93 -11.90 -11.78
N LEU A 161 3.91 -13.22 -11.87
CA LEU A 161 4.73 -14.03 -10.97
C LEU A 161 6.21 -13.78 -11.18
N ARG A 162 6.64 -13.67 -12.43
CA ARG A 162 8.04 -13.32 -12.74
C ARG A 162 8.36 -11.92 -12.28
N TYR A 163 7.43 -11.00 -12.52
CA TYR A 163 7.60 -9.60 -12.09
C TYR A 163 7.85 -9.48 -10.57
N LEU A 164 7.07 -10.23 -9.79
CA LEU A 164 7.21 -10.21 -8.33
C LEU A 164 8.60 -10.67 -7.94
N GLU A 165 9.12 -11.68 -8.65
CA GLU A 165 10.46 -12.17 -8.30
C GLU A 165 11.56 -11.22 -8.76
N THR A 166 11.44 -10.70 -9.97
CA THR A 166 12.44 -9.73 -10.47
C THR A 166 12.46 -8.48 -9.61
N SER A 167 11.29 -8.04 -9.14
CA SER A 167 11.20 -6.92 -8.20
C SER A 167 12.01 -7.20 -6.95
N ALA A 168 11.85 -8.41 -6.40
CA ALA A 168 12.58 -8.76 -5.18
C ALA A 168 14.08 -8.76 -5.47
N GLU A 169 14.47 -9.23 -6.65
CA GLU A 169 15.88 -9.28 -7.05
C GLU A 169 16.47 -7.87 -7.15
N VAL A 170 15.74 -6.95 -7.76
CA VAL A 170 16.18 -5.56 -7.87
C VAL A 170 16.32 -4.91 -6.49
N ARG A 171 15.35 -5.13 -5.61
CA ARG A 171 15.37 -4.56 -4.27
C ARG A 171 16.53 -5.07 -3.40
N TYR A 172 16.98 -6.29 -3.69
CA TYR A 172 18.09 -6.87 -2.93
C TYR A 172 19.38 -6.06 -3.06
N GLY A 173 19.62 -5.48 -4.24
CA GLY A 173 20.89 -4.80 -4.49
C GLY A 173 20.88 -3.33 -4.87
N HIS A 174 19.72 -2.80 -5.21
CA HIS A 174 19.63 -1.42 -5.72
C HIS A 174 19.88 -0.35 -4.65
N PRO A 175 20.60 0.74 -5.03
CA PRO A 175 20.86 1.84 -4.09
C PRO A 175 19.62 2.42 -3.42
N ALA A 176 18.48 2.39 -4.11
CA ALA A 176 17.23 2.90 -3.52
C ALA A 176 16.89 2.24 -2.20
N TYR A 177 17.35 0.99 -2.03
CA TYR A 177 17.04 0.21 -0.83
C TYR A 177 18.22 -0.04 0.06
N LYS A 178 19.43 0.17 -0.48
CA LYS A 178 20.64 -0.13 0.27
C LYS A 178 21.39 1.10 0.77
N LYS A 179 21.18 2.24 0.12
CA LYS A 179 21.89 3.47 0.44
C LYS A 179 21.02 4.54 1.12
N TYR A 180 19.75 4.21 1.34
CA TYR A 180 18.78 5.10 2.01
C TYR A 180 17.97 4.30 3.00
N PRO A 181 17.30 4.97 3.97
CA PRO A 181 16.42 4.29 4.89
C PRO A 181 15.35 3.49 4.14
N ARG A 182 14.99 2.34 4.68
CA ARG A 182 13.95 1.51 4.10
C ARG A 182 12.61 1.83 4.75
N GLY A 183 11.53 1.43 4.10
CA GLY A 183 10.21 1.72 4.65
C GLY A 183 9.49 0.49 5.19
N THR A 184 8.30 0.76 5.72
CA THR A 184 7.35 -0.27 6.12
C THR A 184 6.24 -0.15 5.09
N ASN A 185 5.86 -1.28 4.49
CA ASN A 185 5.07 -1.28 3.26
C ASN A 185 3.76 -1.99 3.40
N PHE A 186 2.73 -1.41 2.81
CA PHE A 186 1.40 -2.03 2.76
C PHE A 186 1.02 -2.29 1.32
N TRP A 187 0.65 -3.52 1.04
CA TRP A 187 0.13 -3.89 -0.27
C TRP A 187 -1.35 -4.15 -0.14
N LEU A 188 -2.15 -3.65 -1.08
CA LEU A 188 -3.56 -3.99 -1.12
C LEU A 188 -3.79 -5.01 -2.24
N TRP A 189 -4.61 -6.04 -1.99
CA TRP A 189 -5.02 -6.93 -3.07
C TRP A 189 -6.53 -7.04 -3.05
N GLU A 190 -7.19 -6.65 -4.15
CA GLU A 190 -8.64 -6.61 -4.23
C GLU A 190 -9.16 -7.85 -4.96
N GLY A 191 -9.93 -8.67 -4.26
CA GLY A 191 -10.56 -9.84 -4.87
C GLY A 191 -9.68 -11.07 -4.82
N VAL A 192 -9.95 -12.03 -5.71
CA VAL A 192 -9.11 -13.23 -5.76
C VAL A 192 -8.31 -13.14 -7.04
N LYS A 193 -9.01 -13.31 -8.17
CA LYS A 193 -8.47 -13.06 -9.52
C LYS A 193 -7.50 -14.12 -10.06
N ASP A 194 -6.44 -14.41 -9.31
CA ASP A 194 -5.55 -15.51 -9.67
C ASP A 194 -4.92 -16.09 -8.42
N LYS A 195 -5.25 -17.36 -8.14
CA LYS A 195 -4.81 -17.97 -6.89
C LYS A 195 -3.31 -18.13 -6.80
N ARG A 196 -2.66 -18.40 -7.93
CA ARG A 196 -1.20 -18.56 -7.93
C ARG A 196 -0.49 -17.26 -7.58
N VAL A 197 -0.95 -16.15 -8.16
CA VAL A 197 -0.32 -14.87 -7.84
C VAL A 197 -0.60 -14.49 -6.39
N LEU A 198 -1.82 -14.75 -5.92
CA LEU A 198 -2.16 -14.50 -4.54
C LEU A 198 -1.30 -15.34 -3.59
N LEU A 199 -0.99 -16.58 -3.98
CA LEU A 199 -0.09 -17.41 -3.19
C LEU A 199 1.29 -16.77 -3.02
N SER A 200 1.81 -16.19 -4.10
CA SER A 200 3.12 -15.56 -4.06
C SER A 200 3.11 -14.32 -3.17
N VAL A 201 2.07 -13.49 -3.27
CA VAL A 201 2.06 -12.29 -2.44
C VAL A 201 1.84 -12.62 -0.97
N TYR A 202 1.03 -13.65 -0.68
CA TYR A 202 0.90 -14.11 0.71
C TYR A 202 2.26 -14.53 1.26
N ARG A 203 3.01 -15.29 0.45
CA ARG A 203 4.29 -15.81 0.91
C ARG A 203 5.28 -14.68 1.18
N ARG A 204 5.25 -13.65 0.33
CA ARG A 204 6.22 -12.57 0.42
C ARG A 204 5.94 -11.63 1.59
N ALA A 205 4.67 -11.48 1.94
CA ALA A 205 4.27 -10.60 3.06
C ALA A 205 4.66 -11.15 4.44
N ASP A 206 5.01 -10.26 5.35
CA ASP A 206 5.26 -10.66 6.74
C ASP A 206 3.96 -10.78 7.53
N TYR A 207 3.01 -9.90 7.22
CA TYR A 207 1.68 -9.94 7.81
C TYR A 207 0.67 -10.08 6.69
N VAL A 208 -0.37 -10.89 6.91
CA VAL A 208 -1.49 -10.93 5.98
C VAL A 208 -2.77 -10.78 6.79
N LEU A 209 -3.53 -9.74 6.46
CA LEU A 209 -4.88 -9.51 7.01
C LEU A 209 -5.87 -9.66 5.87
N LYS A 210 -6.89 -10.46 6.07
CA LYS A 210 -7.89 -10.70 5.01
C LYS A 210 -9.22 -10.16 5.48
N THR A 211 -9.87 -9.34 4.66
CA THR A 211 -11.22 -8.86 5.01
C THR A 211 -12.25 -9.54 4.13
N ARG A 212 -13.43 -9.75 4.69
CA ARG A 212 -14.50 -10.42 3.95
C ARG A 212 -15.84 -10.10 4.58
N SER A 213 -16.89 -10.29 3.79
CA SER A 213 -18.26 -9.99 4.20
C SER A 213 -19.04 -11.29 4.35
N SER A 214 -20.03 -11.26 5.24
CA SER A 214 -20.97 -12.35 5.42
C SER A 214 -22.35 -11.70 5.34
N LEU A 215 -23.22 -12.27 4.52
CA LEU A 215 -24.59 -11.82 4.42
C LEU A 215 -25.40 -12.46 5.53
N GLY A 216 -25.92 -11.64 6.42
CA GLY A 216 -26.79 -12.13 7.47
C GLY A 216 -28.23 -11.78 7.16
N GLU A 217 -29.13 -12.47 7.83
CA GLU A 217 -30.53 -12.14 7.74
C GLU A 217 -30.78 -10.66 8.08
N ASN A 218 -30.05 -10.15 9.07
CA ASN A 218 -30.24 -8.79 9.57
C ASN A 218 -29.24 -7.74 9.06
N GLY A 219 -28.44 -8.12 8.06
CA GLY A 219 -27.48 -7.15 7.51
C GLY A 219 -26.12 -7.77 7.26
N ILE A 220 -25.21 -6.99 6.69
CA ILE A 220 -23.86 -7.43 6.38
C ILE A 220 -23.01 -7.47 7.65
N LYS A 221 -22.23 -8.53 7.81
CA LYS A 221 -21.22 -8.65 8.85
C LYS A 221 -19.87 -8.59 8.15
N ARG A 222 -19.00 -7.70 8.61
CA ARG A 222 -17.67 -7.56 8.01
C ARG A 222 -16.64 -8.10 9.00
N GLU A 223 -15.72 -8.93 8.48
CA GLU A 223 -14.72 -9.57 9.31
C GLU A 223 -13.29 -9.34 8.82
N LEU A 224 -12.37 -9.18 9.75
CA LEU A 224 -10.95 -9.12 9.44
C LEU A 224 -10.26 -10.31 10.08
N LEU A 225 -9.57 -11.09 9.26
CA LEU A 225 -8.90 -12.31 9.74
C LEU A 225 -7.39 -12.11 9.73
N VAL A 226 -6.73 -12.42 10.84
CA VAL A 226 -5.28 -12.31 10.90
C VAL A 226 -4.72 -13.64 10.42
N ILE A 227 -4.39 -13.69 9.13
CA ILE A 227 -3.96 -14.93 8.48
C ILE A 227 -2.50 -15.28 8.79
N LYS A 228 -1.63 -14.27 8.83
CA LYS A 228 -0.19 -14.49 8.99
C LYS A 228 0.44 -13.34 9.75
N THR A 229 1.33 -13.65 10.70
CA THR A 229 2.14 -12.65 11.40
C THR A 229 3.55 -13.24 11.55
N PRO A 230 4.56 -12.41 11.87
CA PRO A 230 5.89 -12.94 12.18
C PRO A 230 5.92 -13.85 13.41
N LYS A 231 4.98 -13.65 14.33
CA LYS A 231 4.85 -14.45 15.57
C LYS A 231 4.12 -15.76 15.30
N VAL A 237 -6.83 -15.18 15.04
CA VAL A 237 -7.44 -13.95 15.54
C VAL A 237 -8.38 -13.38 14.48
N ARG A 238 -9.62 -13.11 14.88
CA ARG A 238 -10.65 -12.61 13.96
C ARG A 238 -11.36 -11.45 14.62
N PHE A 239 -11.68 -10.44 13.83
CA PHE A 239 -12.41 -9.29 14.31
C PHE A 239 -13.65 -9.07 13.48
N GLU A 240 -14.74 -8.64 14.13
CA GLU A 240 -15.85 -8.04 13.39
C GLU A 240 -15.58 -6.55 13.34
N TYR A 241 -15.93 -5.89 12.24
CA TYR A 241 -15.80 -4.43 12.22
C TYR A 241 -16.96 -3.72 11.55
N GLU A 242 -17.08 -2.43 11.88
CA GLU A 242 -17.97 -1.52 11.17
C GLU A 242 -17.27 -0.18 11.09
N PHE A 243 -17.94 0.81 10.50
CA PHE A 243 -17.32 2.12 10.34
C PHE A 243 -18.14 3.17 11.06
N LYS A 244 -17.45 4.03 11.79
CA LYS A 244 -18.08 5.24 12.30
C LYS A 244 -17.53 6.39 11.48
N GLY A 245 -18.31 6.86 10.51
CA GLY A 245 -17.77 7.77 9.50
C GLY A 245 -16.72 6.98 8.75
N ASN A 246 -15.48 7.48 8.76
CA ASN A 246 -14.40 6.78 8.09
C ASN A 246 -13.57 5.88 9.00
N GLU A 247 -13.86 5.93 10.29
CA GLU A 247 -13.05 5.22 11.29
C GLU A 247 -13.50 3.78 11.44
N PRO A 248 -12.59 2.82 11.21
CA PRO A 248 -12.98 1.43 11.40
C PRO A 248 -13.03 1.13 12.89
N LYS A 249 -14.08 0.44 13.30
CA LYS A 249 -14.27 0.07 14.68
C LYS A 249 -14.27 -1.46 14.76
N LEU A 250 -13.27 -2.02 15.45
CA LEU A 250 -13.05 -3.47 15.47
C LEU A 250 -13.43 -4.09 16.81
N ARG A 251 -13.88 -5.34 16.77
CA ARG A 251 -14.24 -6.09 17.98
C ARG A 251 -13.67 -7.49 17.82
N ARG A 252 -12.76 -7.89 18.71
CA ARG A 252 -12.22 -9.24 18.62
C ARG A 252 -13.33 -10.25 18.91
N GLU A 253 -13.48 -11.22 18.02
CA GLU A 253 -14.47 -12.29 18.13
C GLU A 253 -13.97 -13.46 18.96
N GLY A 254 -14.92 -14.22 19.54
CA GLY A 254 -14.58 -15.41 20.32
C GLY A 254 -14.51 -16.69 19.51
N ASN B 1 6.74 -0.85 -5.96
CA ASN B 1 5.77 -1.52 -5.03
C ASN B 1 6.25 -1.46 -3.60
N ILE B 2 7.55 -1.19 -3.41
CA ILE B 2 8.13 -1.08 -2.08
C ILE B 2 8.99 0.17 -1.95
N PHE B 3 8.81 0.86 -0.82
CA PHE B 3 9.76 1.90 -0.37
C PHE B 3 10.73 1.32 0.66
#